data_3RFQ
#
_entry.id   3RFQ
#
_cell.length_a   125.640
_cell.length_b   137.640
_cell.length_c   73.960
_cell.angle_alpha   90.000
_cell.angle_beta   90.000
_cell.angle_gamma   90.000
#
_symmetry.space_group_name_H-M   'C 2 2 21'
#
loop_
_entity.id
_entity.type
_entity.pdbx_description
1 polymer 'Pterin-4-alpha-carbinolamine dehydratase MoaB2'
2 non-polymer 'SODIUM ION'
3 non-polymer 2-[3-(2-HYDROXY-1,1-DIHYDROXYMETHYL-ETHYLAMINO)-PROPYLAMINO]-2-HYDROXYMETHYL-PROPANE-1,3-DIOL
4 water water
#
_entity_poly.entity_id   1
_entity_poly.type   'polypeptide(L)'
_entity_poly.pdbx_seq_one_letter_code
;GPGSMVNADAQLSDLGYSVAPMEQGAELVVGRALVVVVDDRTAHGDEDHSGPLVTELLTEAGFVVDGVVAVEADEVDIRN
ALNTAVIGGVDLVVSVGGTGVTPRDVTPESTREILDREILGIAEAIRASGLSAGIIDAGLSRGLAGVSGSTLVVNLAGSR
YAVRDGMATLNPLAAHIIGQLSSLE
;
_entity_poly.pdbx_strand_id   A,B,C
#
loop_
_chem_comp.id
_chem_comp.type
_chem_comp.name
_chem_comp.formula
B3P non-polymer 2-[3-(2-HYDROXY-1,1-DIHYDROXYMETHYL-ETHYLAMINO)-PROPYLAMINO]-2-HYDROXYMETHYL-PROPANE-1,3-DIOL 'C11 H26 N2 O6'
NA non-polymer 'SODIUM ION' 'Na 1'
#
# COMPACT_ATOMS: atom_id res chain seq x y z
N VAL A 29 8.98 -30.70 -4.41
CA VAL A 29 7.55 -30.32 -4.25
C VAL A 29 7.39 -29.21 -3.20
N VAL A 30 6.97 -28.02 -3.64
CA VAL A 30 6.90 -26.85 -2.79
C VAL A 30 5.69 -26.88 -1.84
N GLY A 31 4.58 -27.44 -2.33
CA GLY A 31 3.39 -27.67 -1.53
C GLY A 31 2.16 -27.93 -2.37
N ARG A 32 1.00 -27.89 -1.73
CA ARG A 32 -0.29 -28.08 -2.40
C ARG A 32 -0.94 -26.75 -2.68
N ALA A 33 -1.55 -26.62 -3.87
CA ALA A 33 -2.25 -25.39 -4.26
C ALA A 33 -3.72 -25.61 -4.65
N LEU A 34 -4.57 -24.61 -4.43
CA LEU A 34 -5.94 -24.61 -4.98
C LEU A 34 -6.17 -23.35 -5.83
N VAL A 35 -6.94 -23.51 -6.91
CA VAL A 35 -7.35 -22.38 -7.74
C VAL A 35 -8.83 -22.07 -7.50
N VAL A 36 -9.13 -20.79 -7.23
CA VAL A 36 -10.51 -20.32 -7.18
C VAL A 36 -10.73 -19.30 -8.30
N VAL A 37 -11.66 -19.63 -9.21
CA VAL A 37 -12.04 -18.76 -10.33
C VAL A 37 -13.36 -18.05 -9.99
N VAL A 38 -13.31 -16.73 -9.84
CA VAL A 38 -14.49 -15.96 -9.52
C VAL A 38 -15.06 -15.46 -10.82
N ASP A 39 -16.16 -16.07 -11.25
CA ASP A 39 -16.82 -15.66 -12.48
C ASP A 39 -18.21 -16.24 -12.55
N ASP A 40 -19.18 -15.38 -12.82
CA ASP A 40 -20.57 -15.79 -12.91
C ASP A 40 -20.82 -16.78 -14.06
N ARG A 41 -20.39 -16.42 -15.28
CA ARG A 41 -20.61 -17.27 -16.47
C ARG A 41 -20.00 -18.69 -16.30
N THR A 42 -18.78 -18.74 -15.75
CA THR A 42 -18.12 -20.02 -15.40
C THR A 42 -18.87 -20.83 -14.31
N ALA A 43 -19.20 -20.19 -13.18
CA ALA A 43 -19.98 -20.83 -12.10
C ALA A 43 -21.31 -21.43 -12.58
N HIS A 44 -21.82 -20.93 -13.70
CA HIS A 44 -23.08 -21.39 -14.29
C HIS A 44 -22.85 -22.41 -15.41
N GLY A 45 -21.58 -22.73 -15.65
CA GLY A 45 -21.20 -23.79 -16.58
C GLY A 45 -20.79 -23.36 -17.99
N ASP A 46 -20.22 -22.16 -18.12
CA ASP A 46 -19.54 -21.76 -19.36
C ASP A 46 -18.09 -22.22 -19.25
N GLU A 47 -17.38 -22.19 -20.38
CA GLU A 47 -15.97 -22.59 -20.43
C GLU A 47 -15.10 -21.75 -19.47
N ASP A 48 -14.26 -22.44 -18.72
CA ASP A 48 -13.29 -21.81 -17.83
C ASP A 48 -11.95 -21.59 -18.54
N HIS A 49 -11.53 -20.33 -18.66
CA HIS A 49 -10.26 -20.00 -19.34
C HIS A 49 -9.07 -19.93 -18.35
N SER A 50 -9.35 -19.46 -17.15
CA SER A 50 -8.30 -19.21 -16.16
C SER A 50 -7.80 -20.44 -15.39
N GLY A 51 -8.69 -21.29 -14.92
CA GLY A 51 -8.32 -22.48 -14.13
C GLY A 51 -7.18 -23.32 -14.71
N PRO A 52 -7.31 -23.73 -15.99
CA PRO A 52 -6.24 -24.52 -16.59
C PRO A 52 -4.93 -23.74 -16.66
N LEU A 53 -4.98 -22.45 -16.96
CA LEU A 53 -3.72 -21.66 -17.02
C LEU A 53 -3.03 -21.59 -15.64
N VAL A 54 -3.78 -21.20 -14.61
CA VAL A 54 -3.22 -21.13 -13.25
C VAL A 54 -2.64 -22.48 -12.80
N THR A 55 -3.38 -23.55 -13.07
CA THR A 55 -2.91 -24.92 -12.80
C THR A 55 -1.61 -25.23 -13.52
N GLU A 56 -1.51 -24.81 -14.79
CA GLU A 56 -0.29 -25.05 -15.56
C GLU A 56 0.85 -24.30 -14.89
N LEU A 57 0.61 -23.04 -14.58
CA LEU A 57 1.66 -22.24 -13.96
C LEU A 57 2.03 -22.72 -12.54
N LEU A 58 1.03 -23.12 -11.75
CA LEU A 58 1.30 -23.63 -10.39
C LEU A 58 2.16 -24.90 -10.43
N THR A 59 1.80 -25.80 -11.33
CA THR A 59 2.47 -27.08 -11.45
C THR A 59 3.93 -26.81 -11.87
N GLU A 60 4.11 -25.82 -12.76
CA GLU A 60 5.44 -25.47 -13.26
C GLU A 60 6.32 -24.91 -12.14
N ALA A 61 5.70 -24.20 -11.22
CA ALA A 61 6.39 -23.66 -10.06
C ALA A 61 6.66 -24.73 -9.00
N GLY A 62 6.24 -25.97 -9.26
CA GLY A 62 6.50 -27.07 -8.31
C GLY A 62 5.39 -27.37 -7.31
N PHE A 63 4.17 -26.87 -7.56
CA PHE A 63 3.00 -27.19 -6.72
C PHE A 63 2.21 -28.41 -7.21
N VAL A 64 1.56 -29.12 -6.30
CA VAL A 64 0.54 -30.11 -6.68
C VAL A 64 -0.79 -29.39 -6.58
N VAL A 65 -1.55 -29.37 -7.67
CA VAL A 65 -2.79 -28.61 -7.67
C VAL A 65 -3.93 -29.54 -7.28
N ASP A 66 -4.58 -29.26 -6.15
CA ASP A 66 -5.72 -30.05 -5.72
C ASP A 66 -6.87 -30.01 -6.73
N GLY A 67 -7.09 -28.84 -7.33
CA GLY A 67 -8.12 -28.69 -8.34
C GLY A 67 -8.57 -27.24 -8.44
N VAL A 68 -9.61 -27.01 -9.24
CA VAL A 68 -10.10 -25.66 -9.50
C VAL A 68 -11.51 -25.61 -8.95
N VAL A 69 -11.82 -24.55 -8.21
CA VAL A 69 -13.17 -24.34 -7.73
C VAL A 69 -13.71 -23.08 -8.39
N ALA A 70 -14.83 -23.23 -9.08
CA ALA A 70 -15.48 -22.09 -9.72
C ALA A 70 -16.58 -21.56 -8.78
N VAL A 71 -16.64 -20.24 -8.63
CA VAL A 71 -17.58 -19.65 -7.69
C VAL A 71 -18.22 -18.42 -8.34
N GLU A 72 -19.47 -18.11 -7.99
CA GLU A 72 -20.11 -16.88 -8.45
C GLU A 72 -19.44 -15.68 -7.78
N ALA A 73 -19.61 -14.50 -8.37
CA ALA A 73 -19.12 -13.25 -7.79
C ALA A 73 -20.07 -12.86 -6.65
N ASP A 74 -20.01 -13.67 -5.62
CA ASP A 74 -20.86 -13.47 -4.48
C ASP A 74 -19.96 -13.39 -3.27
N GLU A 75 -20.05 -12.30 -2.51
CA GLU A 75 -19.09 -12.11 -1.43
C GLU A 75 -18.98 -13.32 -0.47
N VAL A 76 -20.12 -13.89 -0.08
CA VAL A 76 -20.17 -15.03 0.84
C VAL A 76 -19.63 -16.31 0.18
N ASP A 77 -20.07 -16.63 -1.04
CA ASP A 77 -19.62 -17.83 -1.74
C ASP A 77 -18.09 -17.87 -1.91
N ILE A 78 -17.52 -16.71 -2.26
CA ILE A 78 -16.08 -16.57 -2.42
C ILE A 78 -15.37 -16.86 -1.10
N ARG A 79 -15.87 -16.25 -0.03
CA ARG A 79 -15.23 -16.31 1.28
C ARG A 79 -15.26 -17.77 1.81
N ASN A 80 -16.40 -18.45 1.65
CA ASN A 80 -16.54 -19.88 2.00
C ASN A 80 -15.65 -20.80 1.16
N ALA A 81 -15.55 -20.58 -0.15
CA ALA A 81 -14.62 -21.37 -0.96
C ALA A 81 -13.18 -21.23 -0.42
N LEU A 82 -12.77 -20.01 -0.09
CA LEU A 82 -11.45 -19.74 0.43
C LEU A 82 -11.27 -20.38 1.81
N ASN A 83 -12.28 -20.22 2.64
CA ASN A 83 -12.27 -20.78 3.95
C ASN A 83 -12.16 -22.30 3.97
N THR A 84 -12.91 -22.97 3.11
CA THR A 84 -12.84 -24.43 2.88
C THR A 84 -11.40 -24.84 2.48
N ALA A 85 -10.78 -24.07 1.61
CA ALA A 85 -9.36 -24.28 1.21
C ALA A 85 -8.38 -24.20 2.38
N VAL A 86 -8.53 -23.17 3.21
CA VAL A 86 -7.70 -23.05 4.40
C VAL A 86 -7.89 -24.24 5.36
N ILE A 87 -9.13 -24.50 5.78
CA ILE A 87 -9.46 -25.63 6.66
C ILE A 87 -8.89 -26.96 6.13
N GLY A 88 -8.90 -27.15 4.81
CA GLY A 88 -8.36 -28.33 4.19
C GLY A 88 -6.83 -28.43 4.11
N GLY A 89 -6.13 -27.40 4.56
CA GLY A 89 -4.69 -27.48 4.78
C GLY A 89 -3.79 -27.21 3.59
N VAL A 90 -4.37 -26.63 2.53
CA VAL A 90 -3.62 -26.32 1.31
C VAL A 90 -2.61 -25.19 1.57
N ASP A 91 -1.47 -25.23 0.88
CA ASP A 91 -0.39 -24.27 1.15
C ASP A 91 -0.59 -22.93 0.48
N LEU A 92 -1.20 -22.93 -0.70
CA LEU A 92 -1.38 -21.74 -1.49
C LEU A 92 -2.75 -21.78 -2.16
N VAL A 93 -3.54 -20.72 -1.94
CA VAL A 93 -4.74 -20.51 -2.72
C VAL A 93 -4.53 -19.29 -3.60
N VAL A 94 -4.77 -19.45 -4.91
CA VAL A 94 -4.75 -18.35 -5.83
C VAL A 94 -6.17 -18.22 -6.35
N SER A 95 -6.74 -17.02 -6.17
CA SER A 95 -8.01 -16.71 -6.81
C SER A 95 -7.82 -15.85 -8.06
N VAL A 96 -8.77 -15.92 -8.99
CA VAL A 96 -8.68 -15.17 -10.22
C VAL A 96 -10.02 -14.46 -10.47
N GLY A 97 -9.98 -13.13 -10.67
CA GLY A 97 -11.17 -12.29 -10.93
C GLY A 97 -11.83 -11.63 -9.73
N GLY A 98 -12.78 -10.72 -10.03
CA GLY A 98 -13.50 -9.98 -9.01
C GLY A 98 -12.67 -8.98 -8.20
N THR A 99 -11.59 -8.45 -8.78
CA THR A 99 -10.75 -7.46 -8.10
C THR A 99 -10.76 -6.05 -8.72
N GLY A 100 -11.65 -5.79 -9.68
CA GLY A 100 -11.82 -4.45 -10.21
C GLY A 100 -12.69 -3.61 -9.31
N VAL A 101 -13.41 -2.67 -9.92
CA VAL A 101 -14.18 -1.72 -9.15
C VAL A 101 -15.70 -1.61 -9.42
N THR A 102 -16.24 -2.53 -10.20
CA THR A 102 -17.69 -2.59 -10.37
C THR A 102 -18.34 -3.07 -9.05
N PRO A 103 -19.70 -2.95 -8.91
CA PRO A 103 -20.23 -3.33 -7.58
C PRO A 103 -20.02 -4.81 -7.29
N ARG A 104 -19.83 -5.54 -8.37
CA ARG A 104 -19.72 -6.99 -8.44
C ARG A 104 -18.32 -7.54 -8.06
N ASP A 105 -17.28 -6.71 -8.14
CA ASP A 105 -15.92 -7.12 -7.77
C ASP A 105 -15.74 -7.13 -6.25
N VAL A 106 -16.05 -8.26 -5.63
CA VAL A 106 -16.13 -8.32 -4.20
C VAL A 106 -15.05 -9.24 -3.63
N THR A 107 -14.20 -9.74 -4.51
CA THR A 107 -13.14 -10.66 -4.08
C THR A 107 -12.30 -10.13 -2.90
N PRO A 108 -11.79 -8.89 -2.98
CA PRO A 108 -10.97 -8.38 -1.84
C PRO A 108 -11.77 -8.31 -0.54
N GLU A 109 -13.02 -7.90 -0.63
CA GLU A 109 -13.90 -7.88 0.55
C GLU A 109 -14.16 -9.28 1.14
N SER A 110 -14.32 -10.29 0.28
CA SER A 110 -14.43 -11.69 0.76
C SER A 110 -13.15 -12.11 1.53
N THR A 111 -12.03 -11.90 0.85
CA THR A 111 -10.71 -12.34 1.29
C THR A 111 -10.29 -11.66 2.60
N ARG A 112 -10.62 -10.38 2.77
CA ARG A 112 -10.17 -9.66 3.97
C ARG A 112 -10.50 -10.41 5.26
N GLU A 113 -11.73 -10.89 5.43
CA GLU A 113 -12.15 -11.56 6.63
C GLU A 113 -11.45 -12.86 6.94
N ILE A 114 -10.86 -13.51 5.98
CA ILE A 114 -10.23 -14.78 6.28
C ILE A 114 -8.74 -14.64 6.57
N LEU A 115 -8.21 -13.48 6.26
CA LEU A 115 -6.82 -13.20 6.49
C LEU A 115 -6.44 -12.92 7.96
N ASP A 116 -5.46 -13.63 8.45
CA ASP A 116 -4.86 -13.29 9.72
C ASP A 116 -3.83 -12.16 9.66
N ARG A 117 -3.02 -12.12 8.61
CA ARG A 117 -1.97 -11.13 8.36
CA ARG A 117 -2.01 -11.09 8.35
C ARG A 117 -1.90 -10.86 6.85
N GLU A 118 -1.85 -9.59 6.47
CA GLU A 118 -1.66 -9.25 5.08
C GLU A 118 -0.19 -9.17 4.82
N ILE A 119 0.19 -9.63 3.63
CA ILE A 119 1.54 -9.45 3.12
C ILE A 119 1.49 -8.44 1.97
N LEU A 120 1.47 -7.17 2.36
CA LEU A 120 1.28 -6.08 1.42
C LEU A 120 2.30 -6.09 0.31
N GLY A 121 3.49 -6.62 0.58
CA GLY A 121 4.54 -6.68 -0.42
C GLY A 121 4.22 -7.50 -1.66
N ILE A 122 3.32 -8.46 -1.54
CA ILE A 122 2.94 -9.31 -2.66
C ILE A 122 1.97 -8.56 -3.59
N ALA A 123 0.92 -8.00 -3.00
CA ALA A 123 -0.02 -7.15 -3.70
C ALA A 123 0.64 -5.94 -4.42
N GLU A 124 1.54 -5.24 -3.73
CA GLU A 124 2.33 -4.16 -4.34
C GLU A 124 3.20 -4.58 -5.52
N ALA A 125 3.92 -5.68 -5.35
CA ALA A 125 4.78 -6.18 -6.41
C ALA A 125 3.95 -6.62 -7.61
N ILE A 126 2.83 -7.30 -7.37
CA ILE A 126 1.94 -7.67 -8.46
C ILE A 126 1.46 -6.42 -9.22
N ARG A 127 1.02 -5.38 -8.49
CA ARG A 127 0.50 -4.15 -9.12
C ARG A 127 1.58 -3.40 -9.91
N ALA A 128 2.74 -3.19 -9.29
CA ALA A 128 3.86 -2.46 -9.95
C ALA A 128 4.29 -3.17 -11.22
N SER A 129 4.36 -4.49 -11.18
CA SER A 129 4.70 -5.26 -12.37
C SER A 129 3.65 -5.11 -13.50
N GLY A 130 2.38 -5.20 -13.11
CA GLY A 130 1.28 -5.06 -14.05
C GLY A 130 1.31 -3.69 -14.68
N LEU A 131 1.52 -2.69 -13.86
CA LEU A 131 1.56 -1.34 -14.39
C LEU A 131 2.66 -1.13 -15.43
N SER A 132 3.91 -1.51 -15.15
CA SER A 132 4.96 -1.33 -16.19
C SER A 132 4.78 -2.18 -17.44
N ALA A 133 4.05 -3.28 -17.33
CA ALA A 133 3.75 -4.10 -18.52
C ALA A 133 2.49 -3.61 -19.25
N GLY A 134 1.91 -2.48 -18.82
CA GLY A 134 0.67 -1.99 -19.42
C GLY A 134 -0.59 -2.86 -19.21
N ILE A 135 -0.57 -3.69 -18.15
CA ILE A 135 -1.70 -4.56 -17.80
C ILE A 135 -2.54 -3.87 -16.71
N ILE A 136 -3.51 -3.10 -17.17
CA ILE A 136 -4.20 -2.15 -16.33
C ILE A 136 -5.01 -2.85 -15.20
N ASP A 137 -5.66 -3.96 -15.51
CA ASP A 137 -6.47 -4.57 -14.45
C ASP A 137 -5.55 -5.16 -13.35
N ALA A 138 -4.33 -5.56 -13.71
CA ALA A 138 -3.33 -5.98 -12.73
C ALA A 138 -2.75 -4.79 -11.97
N GLY A 139 -2.36 -3.75 -12.71
CA GLY A 139 -1.85 -2.54 -12.11
C GLY A 139 -2.77 -1.86 -11.12
N LEU A 140 -4.08 -2.04 -11.31
CA LEU A 140 -5.06 -1.38 -10.47
C LEU A 140 -5.80 -2.38 -9.58
N SER A 141 -5.40 -3.65 -9.66
CA SER A 141 -6.06 -4.71 -8.88
C SER A 141 -6.16 -4.39 -7.39
N ARG A 142 -7.36 -4.50 -6.86
CA ARG A 142 -7.61 -4.36 -5.44
C ARG A 142 -7.41 -5.68 -4.70
N GLY A 143 -6.92 -6.72 -5.39
CA GLY A 143 -6.61 -8.01 -4.77
C GLY A 143 -5.69 -7.95 -3.52
N LEU A 144 -5.99 -8.79 -2.54
CA LEU A 144 -5.19 -8.87 -1.33
C LEU A 144 -4.29 -10.09 -1.41
N ALA A 145 -3.30 -10.10 -0.53
CA ALA A 145 -2.44 -11.23 -0.32
C ALA A 145 -2.19 -11.30 1.17
N GLY A 146 -2.22 -12.51 1.72
CA GLY A 146 -1.99 -12.66 3.15
C GLY A 146 -1.96 -14.09 3.64
N VAL A 147 -1.74 -14.26 4.93
CA VAL A 147 -1.71 -15.55 5.57
C VAL A 147 -3.01 -15.84 6.33
N SER A 148 -3.58 -16.99 6.09
CA SER A 148 -4.74 -17.47 6.80
C SER A 148 -4.43 -18.83 7.36
N GLY A 149 -4.34 -18.93 8.67
CA GLY A 149 -3.86 -20.16 9.32
C GLY A 149 -2.43 -20.39 8.89
N SER A 150 -2.21 -21.44 8.11
CA SER A 150 -0.92 -21.73 7.51
C SER A 150 -0.96 -21.67 5.98
N THR A 151 -2.03 -21.09 5.46
CA THR A 151 -2.27 -20.97 4.05
C THR A 151 -1.96 -19.54 3.55
N LEU A 152 -1.19 -19.43 2.46
CA LEU A 152 -0.97 -18.15 1.77
C LEU A 152 -2.09 -17.97 0.77
N VAL A 153 -2.73 -16.80 0.80
CA VAL A 153 -3.86 -16.52 -0.09
C VAL A 153 -3.52 -15.30 -0.92
N VAL A 154 -3.67 -15.41 -2.25
CA VAL A 154 -3.40 -14.31 -3.16
C VAL A 154 -4.52 -14.12 -4.20
N ASN A 155 -5.08 -12.92 -4.27
CA ASN A 155 -6.07 -12.61 -5.31
C ASN A 155 -5.39 -11.99 -6.54
N LEU A 156 -5.66 -12.58 -7.69
CA LEU A 156 -5.22 -12.04 -8.99
C LEU A 156 -6.41 -11.44 -9.74
N ALA A 157 -6.13 -10.45 -10.59
CA ALA A 157 -7.15 -9.92 -11.50
C ALA A 157 -7.47 -10.98 -12.54
N GLY A 158 -8.54 -10.75 -13.30
CA GLY A 158 -9.08 -11.80 -14.15
C GLY A 158 -8.56 -11.91 -15.57
N SER A 159 -7.89 -10.89 -16.11
CA SER A 159 -7.41 -10.98 -17.51
C SER A 159 -6.33 -12.05 -17.67
N ARG A 160 -6.21 -12.61 -18.88
CA ARG A 160 -5.20 -13.63 -19.12
C ARG A 160 -3.78 -13.10 -18.90
N TYR A 161 -3.56 -11.86 -19.30
CA TYR A 161 -2.26 -11.21 -19.08
C TYR A 161 -2.03 -10.97 -17.59
N ALA A 162 -3.10 -10.68 -16.84
CA ALA A 162 -2.97 -10.45 -15.41
C ALA A 162 -2.60 -11.77 -14.76
N VAL A 163 -3.23 -12.85 -15.22
CA VAL A 163 -2.92 -14.17 -14.64
C VAL A 163 -1.44 -14.51 -14.86
N ARG A 164 -0.97 -14.42 -16.09
CA ARG A 164 0.43 -14.69 -16.42
C ARG A 164 1.45 -13.83 -15.65
N ASP A 165 1.26 -12.51 -15.70
CA ASP A 165 2.23 -11.60 -15.11
C ASP A 165 2.16 -11.69 -13.58
N GLY A 166 0.97 -11.87 -13.01
CA GLY A 166 0.85 -12.01 -11.55
C GLY A 166 1.54 -13.27 -11.05
N MET A 167 1.41 -14.38 -11.78
CA MET A 167 2.07 -15.63 -11.39
C MET A 167 3.59 -15.53 -11.51
N ALA A 168 4.09 -14.85 -12.56
CA ALA A 168 5.55 -14.65 -12.72
C ALA A 168 6.13 -13.88 -11.50
N THR A 169 5.40 -12.86 -11.07
CA THR A 169 5.80 -12.05 -9.91
C THR A 169 5.69 -12.85 -8.60
N LEU A 170 4.63 -13.64 -8.48
CA LEU A 170 4.35 -14.37 -7.25
C LEU A 170 5.33 -15.55 -7.02
N ASN A 171 5.75 -16.23 -8.09
CA ASN A 171 6.68 -17.37 -7.99
C ASN A 171 7.80 -17.30 -6.93
N PRO A 172 8.68 -16.28 -6.98
CA PRO A 172 9.72 -16.28 -5.93
C PRO A 172 9.16 -15.97 -4.53
N LEU A 173 7.98 -15.37 -4.48
CA LEU A 173 7.50 -14.85 -3.23
C LEU A 173 6.76 -15.92 -2.41
N ALA A 174 5.91 -16.71 -3.08
CA ALA A 174 5.15 -17.81 -2.47
C ALA A 174 6.07 -18.86 -1.85
N ALA A 175 7.07 -19.29 -2.64
CA ALA A 175 8.03 -20.28 -2.17
C ALA A 175 8.63 -19.83 -0.84
N HIS A 176 9.10 -18.59 -0.80
CA HIS A 176 9.68 -18.09 0.42
C HIS A 176 8.68 -18.11 1.58
N ILE A 177 7.46 -17.60 1.37
CA ILE A 177 6.49 -17.53 2.46
CA ILE A 177 6.48 -17.52 2.45
C ILE A 177 6.10 -18.92 2.99
N ILE A 178 5.78 -19.83 2.07
CA ILE A 178 5.39 -21.18 2.50
C ILE A 178 6.53 -21.82 3.27
N GLY A 179 7.77 -21.62 2.81
CA GLY A 179 8.94 -22.15 3.53
C GLY A 179 8.95 -21.59 4.95
N GLN A 180 8.73 -20.29 5.07
CA GLN A 180 8.70 -19.66 6.37
C GLN A 180 7.54 -20.15 7.23
N LEU A 181 6.42 -20.52 6.62
CA LEU A 181 5.26 -21.00 7.40
C LEU A 181 5.32 -22.49 7.82
N SER A 182 6.20 -23.27 7.19
CA SER A 182 6.30 -24.72 7.49
C SER A 182 7.02 -24.98 8.81
N VAL B 29 23.16 18.31 11.81
CA VAL B 29 22.53 17.50 12.93
C VAL B 29 21.01 17.32 12.75
N VAL B 30 20.61 16.15 12.23
CA VAL B 30 19.24 15.95 11.77
C VAL B 30 18.25 15.80 12.92
N GLY B 31 18.66 15.03 13.93
CA GLY B 31 17.89 14.85 15.14
C GLY B 31 18.45 13.75 16.04
N ARG B 32 17.60 13.29 16.97
CA ARG B 32 17.92 12.18 17.86
C ARG B 32 17.23 10.91 17.36
N ALA B 33 17.94 9.79 17.46
CA ALA B 33 17.43 8.52 16.96
C ALA B 33 17.61 7.42 17.98
N LEU B 34 16.76 6.40 17.94
CA LEU B 34 16.87 5.25 18.86
C LEU B 34 16.77 3.98 18.04
N VAL B 35 17.60 2.99 18.37
CA VAL B 35 17.49 1.69 17.74
C VAL B 35 16.77 0.72 18.66
N VAL B 36 15.73 0.06 18.13
CA VAL B 36 15.02 -0.98 18.88
C VAL B 36 15.26 -2.30 18.18
N VAL B 37 15.97 -3.20 18.85
CA VAL B 37 16.31 -4.49 18.26
C VAL B 37 15.36 -5.53 18.80
N VAL B 38 14.56 -6.10 17.89
CA VAL B 38 13.51 -7.02 18.29
C VAL B 38 14.02 -8.41 17.99
N ASP B 39 14.52 -9.05 19.03
CA ASP B 39 15.07 -10.38 18.94
C ASP B 39 15.14 -11.02 20.31
N ASP B 40 14.50 -12.19 20.44
CA ASP B 40 14.48 -12.94 21.70
C ASP B 40 15.89 -13.19 22.24
N ARG B 41 16.76 -13.78 21.40
CA ARG B 41 18.13 -14.14 21.82
C ARG B 41 18.93 -12.92 22.28
N THR B 42 18.90 -11.84 21.51
CA THR B 42 19.55 -10.57 21.88
C THR B 42 18.99 -9.95 23.17
N ALA B 43 17.66 -9.95 23.33
CA ALA B 43 17.05 -9.53 24.60
C ALA B 43 17.60 -10.33 25.77
N HIS B 44 17.81 -11.63 25.58
CA HIS B 44 18.31 -12.52 26.63
C HIS B 44 19.85 -12.59 26.70
N GLY B 45 20.53 -11.55 26.22
CA GLY B 45 21.97 -11.38 26.49
C GLY B 45 22.95 -11.70 25.39
N ASP B 46 22.50 -12.45 24.38
CA ASP B 46 23.29 -12.76 23.18
C ASP B 46 23.84 -11.49 22.50
N GLU B 47 24.87 -11.69 21.67
CA GLU B 47 25.52 -10.62 20.94
C GLU B 47 24.52 -9.97 20.02
N ASP B 48 24.58 -8.64 19.97
CA ASP B 48 23.72 -7.84 19.14
C ASP B 48 24.41 -7.62 17.79
N HIS B 49 23.86 -8.19 16.72
CA HIS B 49 24.41 -8.03 15.38
C HIS B 49 23.81 -6.86 14.61
N SER B 50 22.74 -6.28 15.13
CA SER B 50 22.05 -5.23 14.39
C SER B 50 22.28 -3.82 14.92
N GLY B 51 22.26 -3.68 16.25
CA GLY B 51 22.44 -2.40 16.92
C GLY B 51 23.63 -1.56 16.48
N PRO B 52 24.86 -2.12 16.53
CA PRO B 52 25.98 -1.29 16.10
C PRO B 52 25.87 -0.88 14.62
N LEU B 53 25.43 -1.78 13.77
CA LEU B 53 25.27 -1.44 12.36
C LEU B 53 24.29 -0.26 12.17
N VAL B 54 23.10 -0.38 12.74
CA VAL B 54 22.11 0.68 12.61
C VAL B 54 22.62 1.98 13.23
N THR B 55 23.33 1.90 14.35
CA THR B 55 23.96 3.07 14.98
C THR B 55 24.95 3.75 14.03
N GLU B 56 25.84 2.95 13.45
CA GLU B 56 26.80 3.47 12.47
C GLU B 56 26.09 4.17 11.31
N LEU B 57 25.09 3.50 10.72
CA LEU B 57 24.35 4.07 9.60
C LEU B 57 23.58 5.34 10.00
N LEU B 58 22.93 5.33 11.17
CA LEU B 58 22.24 6.54 11.66
C LEU B 58 23.17 7.72 11.88
N THR B 59 24.34 7.45 12.47
CA THR B 59 25.32 8.48 12.80
C THR B 59 25.86 9.11 11.52
N GLU B 60 26.13 8.25 10.54
CA GLU B 60 26.57 8.68 9.20
C GLU B 60 25.56 9.67 8.56
N ALA B 61 24.27 9.38 8.71
CA ALA B 61 23.22 10.25 8.17
C ALA B 61 22.92 11.56 8.97
N GLY B 62 23.75 11.88 9.98
CA GLY B 62 23.60 13.10 10.78
C GLY B 62 22.80 12.97 12.09
N PHE B 63 22.35 11.76 12.44
CA PHE B 63 21.65 11.57 13.71
C PHE B 63 22.59 11.38 14.91
N VAL B 64 22.18 11.87 16.07
CA VAL B 64 22.84 11.47 17.32
C VAL B 64 22.02 10.31 17.87
N VAL B 65 22.66 9.18 18.11
CA VAL B 65 21.96 7.96 18.52
C VAL B 65 22.00 7.79 20.04
N ASP B 66 20.81 7.77 20.65
CA ASP B 66 20.63 7.72 22.10
C ASP B 66 21.16 6.42 22.62
N GLY B 67 20.95 5.36 21.85
CA GLY B 67 21.43 4.04 22.22
C GLY B 67 20.63 2.99 21.48
N VAL B 68 20.74 1.76 21.99
CA VAL B 68 20.05 0.60 21.46
C VAL B 68 19.33 -0.06 22.62
N VAL B 69 18.06 -0.35 22.41
CA VAL B 69 17.22 -1.09 23.33
C VAL B 69 16.91 -2.41 22.66
N ALA B 70 17.14 -3.49 23.40
CA ALA B 70 16.87 -4.85 22.92
C ALA B 70 15.61 -5.35 23.63
N VAL B 71 14.64 -5.85 22.87
CA VAL B 71 13.37 -6.32 23.44
C VAL B 71 13.04 -7.70 22.89
N GLU B 72 12.26 -8.44 23.66
CA GLU B 72 11.69 -9.70 23.19
C GLU B 72 10.68 -9.44 22.10
N ALA B 73 10.42 -10.49 21.32
CA ALA B 73 9.43 -10.45 20.27
C ALA B 73 8.08 -10.61 20.98
N ASP B 74 7.72 -9.57 21.71
CA ASP B 74 6.55 -9.56 22.56
C ASP B 74 5.85 -8.22 22.35
N GLU B 75 4.55 -8.28 22.08
CA GLU B 75 3.74 -7.12 21.73
C GLU B 75 3.80 -6.01 22.79
N VAL B 76 3.62 -6.41 24.05
CA VAL B 76 3.64 -5.50 25.18
C VAL B 76 5.00 -4.79 25.28
N ASP B 77 6.10 -5.55 25.23
CA ASP B 77 7.45 -4.97 25.33
C ASP B 77 7.80 -4.08 24.18
N ILE B 78 7.45 -4.52 22.96
CA ILE B 78 7.72 -3.70 21.79
C ILE B 78 6.94 -2.37 21.87
N ARG B 79 5.64 -2.45 22.12
CA ARG B 79 4.83 -1.23 22.29
C ARG B 79 5.44 -0.31 23.34
N ASN B 80 5.79 -0.87 24.51
CA ASN B 80 6.34 -0.06 25.61
C ASN B 80 7.66 0.63 25.19
N ALA B 81 8.53 -0.09 24.50
CA ALA B 81 9.79 0.48 24.01
C ALA B 81 9.56 1.63 23.00
N LEU B 82 8.62 1.44 22.08
CA LEU B 82 8.31 2.48 21.10
C LEU B 82 7.70 3.71 21.77
N ASN B 83 6.68 3.48 22.60
CA ASN B 83 6.00 4.56 23.33
C ASN B 83 6.94 5.37 24.24
N THR B 84 7.84 4.67 24.93
CA THR B 84 8.85 5.29 25.78
C THR B 84 9.74 6.27 25.00
N ALA B 85 10.10 5.87 23.78
CA ALA B 85 10.94 6.71 22.93
C ALA B 85 10.16 7.93 22.45
N VAL B 86 8.90 7.71 22.07
CA VAL B 86 8.02 8.80 21.65
C VAL B 86 7.87 9.83 22.79
N ILE B 87 7.53 9.36 23.99
CA ILE B 87 7.34 10.25 25.14
C ILE B 87 8.62 11.00 25.42
N GLY B 88 9.74 10.31 25.22
CA GLY B 88 11.09 10.89 25.41
C GLY B 88 11.56 11.87 24.36
N GLY B 89 10.73 12.11 23.33
CA GLY B 89 11.04 13.14 22.30
C GLY B 89 12.06 12.76 21.23
N VAL B 90 12.29 11.47 21.05
CA VAL B 90 13.18 10.95 20.00
C VAL B 90 12.61 11.36 18.63
N ASP B 91 13.49 11.69 17.68
CA ASP B 91 13.05 12.15 16.37
C ASP B 91 12.75 10.99 15.49
N LEU B 92 13.64 9.98 15.54
CA LEU B 92 13.56 8.79 14.71
C LEU B 92 13.77 7.54 15.53
N VAL B 93 12.86 6.56 15.40
CA VAL B 93 13.09 5.23 16.00
C VAL B 93 13.15 4.26 14.83
N VAL B 94 14.23 3.50 14.74
CA VAL B 94 14.32 2.42 13.78
C VAL B 94 14.28 1.08 14.55
N SER B 95 13.29 0.24 14.27
CA SER B 95 13.29 -1.12 14.83
C SER B 95 13.86 -2.08 13.79
N VAL B 96 14.38 -3.20 14.27
CA VAL B 96 14.97 -4.21 13.41
C VAL B 96 14.48 -5.58 13.87
N GLY B 97 13.87 -6.35 12.95
CA GLY B 97 13.39 -7.72 13.25
C GLY B 97 11.87 -7.78 13.50
N GLY B 98 11.31 -9.00 13.46
CA GLY B 98 9.92 -9.23 13.81
C GLY B 98 8.91 -8.81 12.76
N THR B 99 9.35 -8.65 11.51
CA THR B 99 8.47 -8.23 10.42
C THR B 99 8.09 -9.38 9.45
N GLY B 100 8.53 -10.59 9.74
CA GLY B 100 8.23 -11.74 8.88
C GLY B 100 6.84 -12.28 9.14
N VAL B 101 6.68 -13.58 8.91
CA VAL B 101 5.36 -14.23 9.02
C VAL B 101 5.24 -15.39 10.01
N THR B 102 6.30 -15.68 10.76
CA THR B 102 6.22 -16.73 11.79
C THR B 102 5.42 -16.21 13.00
N PRO B 103 5.01 -17.11 13.93
CA PRO B 103 4.08 -16.67 14.97
C PRO B 103 4.60 -15.45 15.72
N ARG B 104 5.89 -15.44 16.01
CA ARG B 104 6.46 -14.40 16.86
C ARG B 104 6.82 -13.09 16.17
N ASP B 105 6.55 -12.98 14.86
CA ASP B 105 6.82 -11.73 14.13
C ASP B 105 5.69 -10.70 14.38
N VAL B 106 5.77 -10.00 15.51
CA VAL B 106 4.65 -9.14 16.01
C VAL B 106 4.99 -7.66 16.05
N THR B 107 6.16 -7.32 15.49
CA THR B 107 6.55 -5.93 15.36
C THR B 107 5.55 -5.04 14.64
N PRO B 108 4.99 -5.50 13.49
CA PRO B 108 3.99 -4.62 12.84
C PRO B 108 2.71 -4.45 13.67
N GLU B 109 2.20 -5.53 14.24
CA GLU B 109 1.01 -5.40 15.14
C GLU B 109 1.27 -4.40 16.29
N SER B 110 2.45 -4.48 16.91
CA SER B 110 2.83 -3.60 18.03
C SER B 110 2.93 -2.18 17.59
N THR B 111 3.64 -1.96 16.49
CA THR B 111 3.81 -0.64 15.92
C THR B 111 2.48 0.00 15.51
N ARG B 112 1.56 -0.81 14.96
CA ARG B 112 0.24 -0.28 14.55
C ARG B 112 -0.48 0.42 15.70
N GLU B 113 -0.42 -0.15 16.89
CA GLU B 113 -1.13 0.41 18.04
C GLU B 113 -0.61 1.79 18.42
N ILE B 114 0.68 2.05 18.21
CA ILE B 114 1.25 3.28 18.73
C ILE B 114 1.31 4.42 17.72
N LEU B 115 1.11 4.14 16.43
CA LEU B 115 1.11 5.15 15.38
C LEU B 115 -0.16 5.98 15.37
N ASP B 116 -0.01 7.29 15.22
CA ASP B 116 -1.17 8.14 15.00
C ASP B 116 -1.53 8.12 13.52
N ARG B 117 -0.51 8.09 12.65
CA ARG B 117 -0.73 7.96 11.21
C ARG B 117 0.41 7.27 10.45
N GLU B 118 0.03 6.53 9.43
CA GLU B 118 0.98 5.83 8.62
C GLU B 118 1.50 6.72 7.47
N ILE B 119 2.79 6.62 7.20
CA ILE B 119 3.39 7.03 5.95
C ILE B 119 3.67 5.79 5.07
N LEU B 120 2.67 5.34 4.32
CA LEU B 120 2.82 4.12 3.47
C LEU B 120 3.98 4.21 2.49
N GLY B 121 4.28 5.41 2.02
CA GLY B 121 5.36 5.59 1.07
C GLY B 121 6.68 5.06 1.56
N ILE B 122 6.92 5.14 2.87
CA ILE B 122 8.21 4.69 3.40
C ILE B 122 8.31 3.15 3.29
N ALA B 123 7.28 2.46 3.77
CA ALA B 123 7.22 0.98 3.69
C ALA B 123 7.19 0.47 2.24
N GLU B 124 6.50 1.18 1.33
CA GLU B 124 6.50 0.77 -0.07
C GLU B 124 7.89 0.92 -0.70
N ALA B 125 8.54 2.05 -0.45
CA ALA B 125 9.85 2.30 -1.05
C ALA B 125 10.88 1.28 -0.57
N ILE B 126 10.86 0.96 0.73
CA ILE B 126 11.76 -0.02 1.31
C ILE B 126 11.51 -1.42 0.77
N ARG B 127 10.22 -1.80 0.63
CA ARG B 127 9.87 -3.08 0.04
C ARG B 127 10.29 -3.11 -1.43
N ALA B 128 10.04 -2.04 -2.18
CA ALA B 128 10.37 -2.01 -3.61
C ALA B 128 11.87 -2.17 -3.85
N SER B 129 12.64 -1.45 -3.06
CA SER B 129 14.10 -1.51 -3.17
C SER B 129 14.62 -2.89 -2.78
N GLY B 130 14.06 -3.49 -1.74
CA GLY B 130 14.47 -4.83 -1.28
C GLY B 130 14.20 -5.93 -2.30
N LEU B 131 13.02 -5.88 -2.88
CA LEU B 131 12.66 -6.86 -3.89
C LEU B 131 13.63 -6.85 -5.07
N SER B 132 13.89 -5.70 -5.66
CA SER B 132 14.73 -5.66 -6.82
C SER B 132 16.23 -5.87 -6.52
N ALA B 133 16.62 -5.78 -5.24
CA ALA B 133 17.95 -6.21 -4.81
C ALA B 133 17.96 -7.68 -4.41
N GLY B 134 16.81 -8.36 -4.52
CA GLY B 134 16.76 -9.81 -4.17
C GLY B 134 16.89 -10.08 -2.66
N ILE B 135 16.57 -9.07 -1.83
CA ILE B 135 16.53 -9.21 -0.37
C ILE B 135 15.08 -9.49 0.04
N ILE B 136 14.78 -10.76 0.21
CA ILE B 136 13.41 -11.22 0.24
C ILE B 136 12.71 -10.83 1.54
N ASP B 137 13.42 -10.90 2.67
CA ASP B 137 12.78 -10.46 3.91
C ASP B 137 12.47 -8.95 3.87
N ALA B 138 13.24 -8.15 3.16
CA ALA B 138 12.89 -6.72 2.97
C ALA B 138 11.75 -6.53 1.96
N GLY B 139 11.81 -7.24 0.83
CA GLY B 139 10.79 -7.09 -0.17
C GLY B 139 9.41 -7.46 0.33
N LEU B 140 9.35 -8.36 1.32
CA LEU B 140 8.07 -8.89 1.83
C LEU B 140 7.77 -8.46 3.27
N SER B 141 8.67 -7.64 3.82
CA SER B 141 8.56 -7.16 5.17
C SER B 141 7.18 -6.57 5.40
N ARG B 142 6.57 -6.95 6.50
CA ARG B 142 5.29 -6.38 6.91
C ARG B 142 5.53 -5.14 7.78
N GLY B 143 6.78 -4.74 7.88
CA GLY B 143 7.13 -3.57 8.70
C GLY B 143 6.34 -2.32 8.35
N LEU B 144 6.02 -1.53 9.36
CA LEU B 144 5.29 -0.26 9.16
C LEU B 144 6.19 0.94 9.28
N ALA B 145 5.65 2.09 8.91
CA ALA B 145 6.31 3.36 9.13
C ALA B 145 5.25 4.41 9.32
N GLY B 146 5.49 5.34 10.25
CA GLY B 146 4.54 6.42 10.48
C GLY B 146 4.96 7.33 11.60
N VAL B 147 4.03 8.18 12.00
CA VAL B 147 4.29 9.21 12.98
C VAL B 147 3.55 8.83 14.25
N SER B 148 4.25 8.93 15.38
CA SER B 148 3.61 8.81 16.68
C SER B 148 4.09 10.00 17.50
N GLY B 149 3.15 10.84 17.94
CA GLY B 149 3.47 12.14 18.56
C GLY B 149 4.23 13.01 17.55
N SER B 150 5.49 13.30 17.83
CA SER B 150 6.41 13.99 16.90
C SER B 150 7.53 13.08 16.48
N THR B 151 7.30 11.79 16.58
CA THR B 151 8.35 10.82 16.32
C THR B 151 8.11 10.02 15.05
N LEU B 152 9.10 9.92 14.18
CA LEU B 152 9.03 8.99 13.04
C LEU B 152 9.50 7.60 13.51
N VAL B 153 8.68 6.58 13.25
CA VAL B 153 8.97 5.20 13.63
C VAL B 153 8.98 4.37 12.35
N VAL B 154 10.01 3.53 12.17
CA VAL B 154 10.14 2.71 10.99
C VAL B 154 10.58 1.29 11.42
N ASN B 155 9.84 0.28 10.99
CA ASN B 155 10.23 -1.12 11.21
C ASN B 155 11.07 -1.62 10.02
N LEU B 156 12.28 -2.10 10.30
CA LEU B 156 13.07 -2.79 9.30
C LEU B 156 13.08 -4.29 9.60
N ALA B 157 13.20 -5.09 8.54
CA ALA B 157 13.40 -6.52 8.65
C ALA B 157 14.78 -6.82 9.24
N GLY B 158 14.95 -8.05 9.72
CA GLY B 158 16.08 -8.43 10.56
C GLY B 158 17.38 -8.78 9.87
N SER B 159 17.39 -9.02 8.55
CA SER B 159 18.66 -9.48 7.95
C SER B 159 19.64 -8.31 7.78
N ARG B 160 20.94 -8.61 7.74
CA ARG B 160 21.94 -7.56 7.59
C ARG B 160 21.76 -6.81 6.27
N TYR B 161 21.46 -7.54 5.21
CA TYR B 161 21.12 -6.93 3.91
C TYR B 161 19.89 -6.03 3.99
N ALA B 162 18.84 -6.51 4.68
CA ALA B 162 17.64 -5.68 4.87
C ALA B 162 17.98 -4.40 5.57
N VAL B 163 18.82 -4.49 6.60
CA VAL B 163 19.18 -3.33 7.40
C VAL B 163 19.90 -2.29 6.55
N ARG B 164 20.85 -2.77 5.73
CA ARG B 164 21.71 -1.87 4.95
C ARG B 164 20.87 -1.16 3.87
N ASP B 165 20.07 -1.93 3.15
CA ASP B 165 19.24 -1.43 2.03
C ASP B 165 18.08 -0.54 2.53
N GLY B 166 17.43 -0.95 3.61
CA GLY B 166 16.41 -0.13 4.24
C GLY B 166 16.94 1.23 4.65
N MET B 167 18.09 1.27 5.33
CA MET B 167 18.66 2.56 5.73
C MET B 167 19.00 3.41 4.53
N ALA B 168 19.51 2.80 3.48
CA ALA B 168 19.84 3.53 2.24
C ALA B 168 18.59 4.22 1.67
N THR B 169 17.49 3.48 1.65
CA THR B 169 16.19 3.98 1.18
C THR B 169 15.62 5.04 2.16
N LEU B 170 15.71 4.79 3.47
CA LEU B 170 15.20 5.71 4.49
C LEU B 170 15.92 7.09 4.55
N ASN B 171 17.22 7.14 4.32
CA ASN B 171 18.01 8.39 4.52
C ASN B 171 17.32 9.70 4.05
N PRO B 172 17.05 9.84 2.73
CA PRO B 172 16.36 11.07 2.31
C PRO B 172 14.92 11.20 2.89
N LEU B 173 14.24 10.10 3.15
CA LEU B 173 12.85 10.21 3.60
C LEU B 173 12.74 10.73 5.06
N ALA B 174 13.62 10.22 5.94
CA ALA B 174 13.58 10.56 7.37
C ALA B 174 13.88 12.05 7.56
N ALA B 175 14.98 12.54 6.97
CA ALA B 175 15.30 13.98 7.02
C ALA B 175 14.14 14.86 6.63
N HIS B 176 13.45 14.51 5.54
CA HIS B 176 12.30 15.31 5.08
C HIS B 176 11.16 15.35 6.10
N ILE B 177 10.75 14.17 6.60
CA ILE B 177 9.65 14.07 7.56
CA ILE B 177 9.65 14.04 7.57
C ILE B 177 9.98 14.74 8.91
N ILE B 178 11.19 14.53 9.41
CA ILE B 178 11.57 15.14 10.67
C ILE B 178 11.54 16.66 10.55
N GLY B 179 12.07 17.19 9.45
CA GLY B 179 12.00 18.66 9.21
C GLY B 179 10.58 19.20 9.24
N GLN B 180 9.62 18.44 8.71
CA GLN B 180 8.20 18.84 8.73
C GLN B 180 7.59 18.77 10.11
N LEU B 181 8.04 17.82 10.92
CA LEU B 181 7.51 17.63 12.27
C LEU B 181 8.03 18.68 13.27
N SER B 182 9.01 19.48 12.85
CA SER B 182 9.69 20.42 13.77
C SER B 182 9.11 21.84 13.76
N GLY C 25 -16.97 17.76 -31.70
CA GLY C 25 -17.34 16.38 -31.29
C GLY C 25 -16.89 16.18 -29.86
N ALA C 26 -17.86 16.07 -28.95
CA ALA C 26 -17.54 15.72 -27.56
C ALA C 26 -17.42 14.19 -27.34
N GLU C 27 -17.35 13.42 -28.44
CA GLU C 27 -17.43 11.95 -28.42
C GLU C 27 -16.36 11.27 -27.53
N LEU C 28 -15.14 11.81 -27.52
CA LEU C 28 -14.02 11.23 -26.79
C LEU C 28 -13.79 11.87 -25.40
N VAL C 29 -14.75 12.67 -24.93
CA VAL C 29 -14.67 13.15 -23.56
C VAL C 29 -14.78 11.96 -22.57
N VAL C 30 -13.87 11.93 -21.59
CA VAL C 30 -13.81 10.86 -20.63
C VAL C 30 -14.86 11.03 -19.55
N GLY C 31 -15.06 12.26 -19.09
CA GLY C 31 -16.15 12.57 -18.13
C GLY C 31 -16.02 13.96 -17.54
N ARG C 32 -16.74 14.20 -16.46
CA ARG C 32 -16.70 15.48 -15.75
C ARG C 32 -15.69 15.42 -14.60
N ALA C 33 -14.92 16.49 -14.41
CA ALA C 33 -14.06 16.57 -13.23
C ALA C 33 -14.27 17.83 -12.37
N LEU C 34 -13.84 17.73 -11.12
CA LEU C 34 -13.79 18.88 -10.21
C LEU C 34 -12.42 18.89 -9.53
N VAL C 35 -11.87 20.07 -9.37
CA VAL C 35 -10.62 20.27 -8.63
C VAL C 35 -10.93 20.85 -7.24
N VAL C 36 -10.35 20.27 -6.21
CA VAL C 36 -10.49 20.78 -4.84
C VAL C 36 -9.11 21.20 -4.37
N VAL C 37 -8.91 22.50 -4.18
CA VAL C 37 -7.66 23.03 -3.64
C VAL C 37 -7.75 23.18 -2.12
N VAL C 38 -6.96 22.39 -1.41
CA VAL C 38 -6.88 22.43 0.03
C VAL C 38 -5.72 23.31 0.39
N ASP C 39 -6.03 24.53 0.78
CA ASP C 39 -5.00 25.48 1.15
C ASP C 39 -5.64 26.64 1.90
N ASP C 40 -5.09 26.96 3.06
CA ASP C 40 -5.67 27.98 3.91
C ASP C 40 -5.63 29.37 3.29
N ARG C 41 -4.49 29.75 2.74
CA ARG C 41 -4.32 31.13 2.23
C ARG C 41 -5.17 31.33 0.96
N THR C 42 -5.29 30.27 0.16
CA THR C 42 -6.16 30.27 -1.03
C THR C 42 -7.64 30.34 -0.64
N ALA C 43 -8.03 29.59 0.39
CA ALA C 43 -9.40 29.67 0.93
C ALA C 43 -9.75 31.09 1.39
N HIS C 44 -8.74 31.86 1.82
CA HIS C 44 -8.92 33.25 2.23
C HIS C 44 -8.60 34.30 1.15
N GLY C 45 -8.61 33.87 -0.12
CA GLY C 45 -8.52 34.81 -1.24
C GLY C 45 -7.17 35.10 -1.89
N ASP C 46 -6.09 34.49 -1.37
CA ASP C 46 -4.78 34.52 -2.04
C ASP C 46 -4.87 33.88 -3.42
N GLU C 47 -3.99 34.31 -4.32
CA GLU C 47 -3.96 33.79 -5.68
C GLU C 47 -3.80 32.27 -5.68
N ASP C 48 -4.72 31.61 -6.37
CA ASP C 48 -4.71 30.16 -6.49
C ASP C 48 -3.77 29.73 -7.61
N HIS C 49 -2.71 29.02 -7.24
CA HIS C 49 -1.69 28.58 -8.20
C HIS C 49 -1.97 27.18 -8.73
N SER C 50 -2.74 26.38 -7.98
CA SER C 50 -2.99 24.99 -8.37
C SER C 50 -4.21 24.74 -9.25
N GLY C 51 -5.34 25.38 -8.93
CA GLY C 51 -6.58 25.22 -9.67
C GLY C 51 -6.40 25.30 -11.19
N PRO C 52 -5.83 26.42 -11.70
CA PRO C 52 -5.71 26.52 -13.18
C PRO C 52 -4.86 25.42 -13.80
N LEU C 53 -3.82 24.99 -13.08
CA LEU C 53 -2.92 23.98 -13.62
C LEU C 53 -3.63 22.61 -13.70
N VAL C 54 -4.25 22.21 -12.60
CA VAL C 54 -5.01 20.94 -12.59
C VAL C 54 -6.11 20.99 -13.66
N THR C 55 -6.71 22.17 -13.84
CA THR C 55 -7.77 22.34 -14.82
C THR C 55 -7.23 22.09 -16.23
N GLU C 56 -6.10 22.72 -16.55
CA GLU C 56 -5.40 22.53 -17.80
C GLU C 56 -5.08 21.06 -18.07
N LEU C 57 -4.52 20.37 -17.07
CA LEU C 57 -4.13 18.96 -17.18
C LEU C 57 -5.34 18.02 -17.29
N LEU C 58 -6.38 18.27 -16.50
CA LEU C 58 -7.62 17.50 -16.62
C LEU C 58 -8.23 17.66 -18.04
N THR C 59 -8.29 18.89 -18.54
CA THR C 59 -8.88 19.17 -19.83
C THR C 59 -8.10 18.48 -20.96
N GLU C 60 -6.78 18.44 -20.83
CA GLU C 60 -5.90 17.84 -21.83
C GLU C 60 -6.07 16.31 -21.87
N ALA C 61 -6.35 15.73 -20.71
CA ALA C 61 -6.67 14.31 -20.59
C ALA C 61 -8.13 13.95 -21.02
N GLY C 62 -8.92 14.93 -21.47
CA GLY C 62 -10.29 14.65 -21.96
C GLY C 62 -11.38 14.81 -20.92
N PHE C 63 -11.08 15.43 -19.78
CA PHE C 63 -12.12 15.72 -18.81
C PHE C 63 -12.72 17.11 -19.02
N VAL C 64 -14.04 17.22 -18.88
CA VAL C 64 -14.68 18.53 -18.84
C VAL C 64 -14.67 18.98 -17.37
N VAL C 65 -14.04 20.11 -17.09
CA VAL C 65 -13.83 20.58 -15.70
C VAL C 65 -14.96 21.52 -15.19
N ASP C 66 -15.76 21.03 -14.22
CA ASP C 66 -16.84 21.80 -13.62
C ASP C 66 -16.34 23.13 -13.07
N GLY C 67 -15.17 23.08 -12.43
CA GLY C 67 -14.60 24.24 -11.77
C GLY C 67 -13.58 23.84 -10.72
N VAL C 68 -13.16 24.82 -9.92
CA VAL C 68 -12.21 24.64 -8.84
C VAL C 68 -12.91 25.13 -7.58
N VAL C 69 -12.76 24.38 -6.49
CA VAL C 69 -13.32 24.77 -5.18
C VAL C 69 -12.18 24.87 -4.18
N ALA C 70 -12.06 26.04 -3.52
CA ALA C 70 -10.99 26.26 -2.55
C ALA C 70 -11.55 26.02 -1.16
N VAL C 71 -10.85 25.22 -0.36
CA VAL C 71 -11.25 25.02 1.02
C VAL C 71 -10.03 25.12 1.94
N GLU C 72 -10.33 25.43 3.22
CA GLU C 72 -9.34 25.44 4.28
C GLU C 72 -8.89 24.01 4.58
N ALA C 73 -7.73 23.89 5.21
CA ALA C 73 -7.22 22.60 5.67
C ALA C 73 -7.99 22.22 6.92
N ASP C 74 -9.26 21.92 6.71
CA ASP C 74 -10.19 21.61 7.77
C ASP C 74 -11.00 20.41 7.31
N GLU C 75 -11.09 19.41 8.19
CA GLU C 75 -11.65 18.10 7.89
C GLU C 75 -13.10 18.19 7.43
N VAL C 76 -13.91 18.99 8.11
CA VAL C 76 -15.30 19.18 7.77
C VAL C 76 -15.46 19.89 6.41
N ASP C 77 -14.66 20.94 6.18
CA ASP C 77 -14.77 21.68 4.93
C ASP C 77 -14.35 20.82 3.75
N ILE C 78 -13.25 20.09 3.90
CA ILE C 78 -12.79 19.19 2.84
C ILE C 78 -13.83 18.12 2.57
N ARG C 79 -14.33 17.48 3.63
CA ARG C 79 -15.35 16.45 3.53
C ARG C 79 -16.64 16.94 2.85
N ASN C 80 -17.09 18.12 3.22
CA ASN C 80 -18.26 18.71 2.57
C ASN C 80 -18.05 19.00 1.08
N ALA C 81 -16.88 19.48 0.70
CA ALA C 81 -16.61 19.74 -0.70
C ALA C 81 -16.64 18.43 -1.51
N LEU C 82 -16.11 17.36 -0.93
CA LEU C 82 -16.08 16.08 -1.62
C LEU C 82 -17.45 15.46 -1.75
N ASN C 83 -18.25 15.54 -0.68
CA ASN C 83 -19.60 14.96 -0.66
C ASN C 83 -20.49 15.64 -1.72
N THR C 84 -20.39 16.96 -1.79
CA THR C 84 -21.13 17.75 -2.77
C THR C 84 -20.80 17.27 -4.20
N ALA C 85 -19.50 17.10 -4.49
CA ALA C 85 -19.09 16.60 -5.81
C ALA C 85 -19.65 15.20 -6.08
N VAL C 86 -19.55 14.31 -5.09
CA VAL C 86 -20.09 12.95 -5.24
C VAL C 86 -21.61 12.99 -5.52
N ILE C 87 -22.34 13.74 -4.69
CA ILE C 87 -23.79 13.84 -4.85
C ILE C 87 -24.13 14.44 -6.22
N GLY C 88 -23.24 15.30 -6.72
CA GLY C 88 -23.43 15.98 -8.00
C GLY C 88 -23.18 15.13 -9.24
N GLY C 89 -22.67 13.91 -9.07
CA GLY C 89 -22.40 13.01 -10.20
C GLY C 89 -21.11 13.26 -10.99
N VAL C 90 -20.16 13.98 -10.39
CA VAL C 90 -18.86 14.25 -10.99
C VAL C 90 -18.13 12.90 -11.14
N ASP C 91 -17.40 12.69 -12.25
CA ASP C 91 -16.71 11.40 -12.43
C ASP C 91 -15.37 11.30 -11.71
N LEU C 92 -14.64 12.42 -11.67
CA LEU C 92 -13.29 12.50 -11.11
C LEU C 92 -13.11 13.74 -10.26
N VAL C 93 -12.78 13.54 -8.99
CA VAL C 93 -12.33 14.64 -8.14
C VAL C 93 -10.82 14.51 -7.89
N VAL C 94 -10.06 15.56 -8.21
CA VAL C 94 -8.65 15.62 -7.86
C VAL C 94 -8.56 16.73 -6.81
N SER C 95 -8.11 16.41 -5.59
CA SER C 95 -7.79 17.43 -4.57
C SER C 95 -6.28 17.70 -4.60
N VAL C 96 -5.87 18.90 -4.18
CA VAL C 96 -4.48 19.27 -4.16
C VAL C 96 -4.15 19.85 -2.79
N GLY C 97 -3.18 19.23 -2.12
CA GLY C 97 -2.76 19.73 -0.78
C GLY C 97 -3.29 18.94 0.42
N GLY C 98 -2.66 19.18 1.57
CA GLY C 98 -3.05 18.60 2.83
C GLY C 98 -2.71 17.12 2.98
N THR C 99 -1.67 16.65 2.28
CA THR C 99 -1.29 15.23 2.33
C THR C 99 0.04 14.94 3.06
N GLY C 100 0.66 15.95 3.67
CA GLY C 100 1.89 15.75 4.43
C GLY C 100 1.66 15.21 5.84
N VAL C 101 2.59 15.52 6.74
CA VAL C 101 2.52 15.01 8.11
C VAL C 101 2.34 16.08 9.20
N THR C 102 2.17 17.34 8.83
CA THR C 102 1.90 18.38 9.84
C THR C 102 0.45 18.22 10.33
N PRO C 103 0.06 18.99 11.37
CA PRO C 103 -1.21 18.61 11.97
C PRO C 103 -2.40 19.03 11.12
N ARG C 104 -2.17 20.03 10.26
CA ARG C 104 -3.18 20.55 9.35
C ARG C 104 -3.32 19.68 8.13
N ASP C 105 -2.51 18.64 7.98
CA ASP C 105 -2.53 17.84 6.76
C ASP C 105 -3.61 16.77 6.88
N VAL C 106 -4.86 17.19 6.71
CA VAL C 106 -6.03 16.35 7.03
C VAL C 106 -6.83 15.82 5.82
N THR C 107 -6.35 16.08 4.61
CA THR C 107 -7.05 15.62 3.39
C THR C 107 -7.27 14.09 3.41
N PRO C 108 -6.26 13.31 3.81
CA PRO C 108 -6.52 11.84 3.76
C PRO C 108 -7.60 11.39 4.75
N GLU C 109 -7.59 11.94 5.98
CA GLU C 109 -8.59 11.61 7.00
C GLU C 109 -9.99 12.03 6.54
N SER C 110 -10.10 13.23 5.96
CA SER C 110 -11.37 13.69 5.36
C SER C 110 -11.83 12.78 4.23
N THR C 111 -10.87 12.37 3.39
CA THR C 111 -11.19 11.54 2.23
C THR C 111 -11.62 10.12 2.62
N ARG C 112 -10.91 9.53 3.56
CA ARG C 112 -11.20 8.14 3.97
C ARG C 112 -12.67 7.92 4.35
N GLU C 113 -13.24 8.92 5.01
CA GLU C 113 -14.61 8.86 5.51
C GLU C 113 -15.66 8.73 4.42
N ILE C 114 -15.42 9.38 3.29
CA ILE C 114 -16.36 9.36 2.21
C ILE C 114 -16.10 8.27 1.17
N LEU C 115 -14.95 7.60 1.19
CA LEU C 115 -14.68 6.52 0.22
C LEU C 115 -15.48 5.23 0.48
N ASP C 116 -16.04 4.63 -0.58
CA ASP C 116 -16.69 3.31 -0.45
C ASP C 116 -15.64 2.21 -0.52
N ARG C 117 -14.66 2.40 -1.40
CA ARG C 117 -13.52 1.51 -1.45
C ARG C 117 -12.27 2.20 -1.99
N GLU C 118 -11.13 1.68 -1.62
CA GLU C 118 -9.85 2.26 -1.98
C GLU C 118 -9.25 1.55 -3.17
N ILE C 119 -8.55 2.31 -4.00
CA ILE C 119 -7.80 1.76 -5.12
C ILE C 119 -6.33 2.01 -4.82
N LEU C 120 -5.74 1.11 -4.01
CA LEU C 120 -4.37 1.25 -3.53
C LEU C 120 -3.36 1.50 -4.65
N GLY C 121 -3.58 0.90 -5.82
CA GLY C 121 -2.63 0.99 -6.91
C GLY C 121 -2.40 2.39 -7.45
N ILE C 122 -3.40 3.26 -7.35
CA ILE C 122 -3.25 4.63 -7.79
C ILE C 122 -2.29 5.38 -6.88
N ALA C 123 -2.58 5.39 -5.57
CA ALA C 123 -1.69 6.01 -4.57
C ALA C 123 -0.26 5.43 -4.64
N GLU C 124 -0.14 4.11 -4.87
CA GLU C 124 1.19 3.52 -4.97
C GLU C 124 1.94 4.00 -6.20
N ALA C 125 1.23 4.17 -7.32
CA ALA C 125 1.88 4.55 -8.57
C ALA C 125 2.30 6.01 -8.47
N ILE C 126 1.46 6.85 -7.86
CA ILE C 126 1.79 8.26 -7.68
C ILE C 126 3.04 8.39 -6.81
N ARG C 127 3.09 7.63 -5.70
CA ARG C 127 4.23 7.71 -4.80
C ARG C 127 5.49 7.18 -5.45
N ALA C 128 5.40 6.02 -6.13
CA ALA C 128 6.60 5.45 -6.74
C ALA C 128 7.17 6.38 -7.80
N SER C 129 6.29 6.97 -8.59
CA SER C 129 6.74 7.92 -9.62
C SER C 129 7.34 9.18 -8.99
N GLY C 130 6.69 9.68 -7.96
CA GLY C 130 7.21 10.86 -7.28
C GLY C 130 8.62 10.64 -6.73
N LEU C 131 8.79 9.48 -6.10
CA LEU C 131 10.06 9.15 -5.50
C LEU C 131 11.19 9.12 -6.54
N SER C 132 11.00 8.44 -7.68
CA SER C 132 12.08 8.43 -8.71
C SER C 132 12.37 9.76 -9.41
N ALA C 133 11.37 10.64 -9.48
CA ALA C 133 11.56 12.01 -9.95
C ALA C 133 12.09 12.97 -8.88
N GLY C 134 12.41 12.49 -7.66
CA GLY C 134 12.89 13.36 -6.57
C GLY C 134 11.87 14.36 -6.03
N ILE C 135 10.59 14.05 -6.18
CA ILE C 135 9.51 14.88 -5.69
C ILE C 135 9.08 14.27 -4.36
N ILE C 136 9.64 14.80 -3.27
CA ILE C 136 9.54 14.11 -1.99
C ILE C 136 8.13 14.22 -1.39
N ASP C 137 7.45 15.36 -1.56
CA ASP C 137 6.07 15.48 -1.08
C ASP C 137 5.14 14.49 -1.82
N ALA C 138 5.40 14.24 -3.09
CA ALA C 138 4.69 13.20 -3.83
C ALA C 138 5.11 11.80 -3.39
N GLY C 139 6.41 11.52 -3.32
CA GLY C 139 6.85 10.19 -2.85
C GLY C 139 6.35 9.77 -1.47
N LEU C 140 6.13 10.76 -0.59
CA LEU C 140 5.66 10.46 0.77
C LEU C 140 4.18 10.79 1.01
N SER C 141 3.47 11.26 -0.03
CA SER C 141 2.10 11.70 0.12
C SER C 141 1.23 10.63 0.81
N ARG C 142 0.51 11.02 1.85
CA ARG C 142 -0.49 10.12 2.45
C ARG C 142 -1.85 10.21 1.73
N GLY C 143 -1.87 10.89 0.59
CA GLY C 143 -3.12 11.03 -0.17
C GLY C 143 -3.69 9.66 -0.55
N LEU C 144 -5.02 9.57 -0.49
CA LEU C 144 -5.76 8.39 -0.89
C LEU C 144 -6.30 8.46 -2.31
N ALA C 145 -6.73 7.30 -2.80
CA ALA C 145 -7.45 7.26 -4.07
C ALA C 145 -8.51 6.17 -3.91
N GLY C 146 -9.69 6.42 -4.45
CA GLY C 146 -10.76 5.45 -4.36
C GLY C 146 -12.09 5.91 -4.92
N VAL C 147 -13.10 5.08 -4.71
CA VAL C 147 -14.42 5.33 -5.24
C VAL C 147 -15.41 5.64 -4.14
N SER C 148 -16.16 6.73 -4.35
CA SER C 148 -17.27 7.13 -3.52
C SER C 148 -18.50 7.27 -4.44
N GLY C 149 -19.52 6.45 -4.20
CA GLY C 149 -20.64 6.27 -5.13
C GLY C 149 -20.14 5.91 -6.52
N SER C 150 -20.31 6.79 -7.49
CA SER C 150 -19.76 6.57 -8.82
C SER C 150 -18.61 7.53 -9.15
N THR C 151 -18.05 8.16 -8.13
CA THR C 151 -17.02 9.15 -8.30
C THR C 151 -15.66 8.66 -7.88
N LEU C 152 -14.69 8.78 -8.79
CA LEU C 152 -13.28 8.53 -8.46
C LEU C 152 -12.67 9.79 -7.81
N VAL C 153 -12.04 9.64 -6.64
CA VAL C 153 -11.43 10.76 -5.91
C VAL C 153 -9.95 10.42 -5.69
N VAL C 154 -9.08 11.35 -6.05
CA VAL C 154 -7.63 11.16 -5.92
C VAL C 154 -7.04 12.37 -5.19
N ASN C 155 -6.30 12.14 -4.11
CA ASN C 155 -5.65 13.24 -3.39
C ASN C 155 -4.23 13.37 -3.89
N LEU C 156 -3.86 14.54 -4.39
CA LEU C 156 -2.44 14.80 -4.69
C LEU C 156 -1.79 15.77 -3.68
N ALA C 157 -0.47 15.63 -3.50
CA ALA C 157 0.29 16.59 -2.73
C ALA C 157 0.26 17.99 -3.36
N GLY C 158 0.62 19.00 -2.57
CA GLY C 158 0.46 20.39 -3.02
C GLY C 158 1.52 21.05 -3.90
N SER C 159 2.76 20.55 -3.94
CA SER C 159 3.80 21.29 -4.69
C SER C 159 3.46 21.25 -6.21
N ARG C 160 3.94 22.20 -6.98
CA ARG C 160 3.74 22.17 -8.44
C ARG C 160 4.26 20.89 -9.12
N TYR C 161 5.43 20.40 -8.68
CA TYR C 161 5.98 19.18 -9.26
C TYR C 161 5.10 17.99 -8.92
N ALA C 162 4.58 17.92 -7.70
CA ALA C 162 3.63 16.82 -7.33
C ALA C 162 2.38 16.82 -8.20
N VAL C 163 1.82 17.99 -8.42
CA VAL C 163 0.64 18.10 -9.25
C VAL C 163 0.95 17.62 -10.67
N ARG C 164 2.05 18.11 -11.22
CA ARG C 164 2.33 17.73 -12.60
C ARG C 164 2.58 16.20 -12.70
N ASP C 165 3.45 15.69 -11.84
CA ASP C 165 3.84 14.29 -11.91
C ASP C 165 2.67 13.36 -11.55
N GLY C 166 1.89 13.73 -10.52
CA GLY C 166 0.69 12.99 -10.15
C GLY C 166 -0.28 12.83 -11.30
N MET C 167 -0.52 13.90 -12.04
CA MET C 167 -1.45 13.87 -13.17
C MET C 167 -0.92 13.02 -14.33
N ALA C 168 0.39 13.07 -14.60
CA ALA C 168 1.00 12.22 -15.64
C ALA C 168 0.74 10.73 -15.34
N THR C 169 0.87 10.37 -14.07
CA THR C 169 0.63 9.00 -13.60
C THR C 169 -0.87 8.66 -13.59
N LEU C 170 -1.71 9.62 -13.19
CA LEU C 170 -3.15 9.40 -13.12
C LEU C 170 -3.81 9.19 -14.51
N ASN C 171 -3.33 9.92 -15.53
CA ASN C 171 -3.93 9.91 -16.86
C ASN C 171 -4.38 8.50 -17.32
N PRO C 172 -3.45 7.52 -17.38
CA PRO C 172 -3.95 6.23 -17.93
C PRO C 172 -4.83 5.46 -16.92
N LEU C 173 -4.88 5.89 -15.67
CA LEU C 173 -5.60 5.10 -14.66
C LEU C 173 -7.07 5.52 -14.55
N ALA C 174 -7.29 6.83 -14.47
CA ALA C 174 -8.60 7.43 -14.25
C ALA C 174 -9.58 6.99 -15.31
N ALA C 175 -9.16 7.14 -16.55
CA ALA C 175 -10.02 6.84 -17.70
C ALA C 175 -10.47 5.41 -17.66
N HIS C 176 -9.58 4.51 -17.24
CA HIS C 176 -9.95 3.08 -17.13
C HIS C 176 -10.97 2.83 -16.02
N ILE C 177 -10.75 3.47 -14.87
CA ILE C 177 -11.64 3.34 -13.72
CA ILE C 177 -11.64 3.34 -13.72
C ILE C 177 -13.06 3.85 -14.06
N ILE C 178 -13.12 5.03 -14.66
CA ILE C 178 -14.40 5.65 -15.00
C ILE C 178 -15.15 4.77 -15.99
N GLY C 179 -14.44 4.26 -16.99
CA GLY C 179 -15.02 3.31 -17.94
C GLY C 179 -15.68 2.16 -17.21
N GLN C 180 -14.96 1.57 -16.26
CA GLN C 180 -15.51 0.45 -15.49
C GLN C 180 -16.76 0.82 -14.68
N LEU C 181 -16.89 2.07 -14.26
CA LEU C 181 -18.00 2.47 -13.36
C LEU C 181 -19.43 2.55 -13.97
NA NA D . 6.91 -8.38 -14.97
C1 B3P E . -9.90 -14.83 11.50
C2 B3P E . -9.94 -15.95 10.52
C3 B3P E . -9.66 -13.54 10.75
N1 B3P E . -9.60 -12.44 11.66
C4 B3P E . -10.36 -11.24 11.54
C5 B3P E . -10.06 -10.57 10.22
C6 B3P E . -11.85 -11.41 11.74
C7 B3P E . -9.78 -10.35 12.59
N2 B3P E . -9.36 -17.15 11.02
C8 B3P E . -9.22 -18.16 10.06
C9 B3P E . -10.07 -17.62 8.95
C10 B3P E . -9.72 -19.50 10.54
C11 B3P E . -7.76 -18.30 9.70
O1 B3P E . -10.88 -18.61 8.40
O2 B3P E . -9.26 -20.53 9.68
O3 B3P E . -7.09 -18.46 10.93
O4 B3P E . -8.66 -10.65 10.16
O5 B3P E . -12.40 -12.11 10.65
O6 B3P E . -8.39 -10.66 12.44
NA NA F . 6.92 9.91 -13.72
#